data_4K1X
#
_entry.id   4K1X
#
_cell.length_a   74.970
_cell.length_b   74.970
_cell.length_c   188.610
_cell.angle_alpha   90.00
_cell.angle_beta   90.00
_cell.angle_gamma   120.00
#
_symmetry.space_group_name_H-M   'P 31 2 1'
#
loop_
_entity.id
_entity.type
_entity.pdbx_description
1 polymer 'NADPH:ferredoxin reductase'
2 non-polymer 'FLAVIN-ADENINE DINUCLEOTIDE'
3 non-polymer 'SULFATE ION'
4 water water
#
_entity_poly.entity_id   1
_entity_poly.type   'polypeptide(L)'
_entity_poly.pdbx_seq_one_letter_code
;PDAQTVTSVRHWTDTLFSFRVTRPQTLRFRSGEFVMIGLLDDNGKPIMRAYSIASPAWDEELEFYSIKVPDGPLTSRLQH
IKVGEQIILRPKPVGTLVIDALLPGKRLWFLATGTGIAPFASLMREPEAYEKFDEVIMMHACRTVAELEYGRQLVEALQE
DPLIGELVEGKLKYYPTTTREEFHHMGRITDNLASGKVFEDLGIAPMNPETDRAMVCGSLAFNVDVMKVLESYGLREGAN
SEPREFVVEKY
;
_entity_poly.pdbx_strand_id   A,B
#
# COMPACT_ATOMS: atom_id res chain seq x y z
N PRO A 1 36.48 14.52 4.02
CA PRO A 1 36.36 13.32 4.85
C PRO A 1 35.29 12.41 4.25
N ASP A 2 35.55 11.95 3.02
CA ASP A 2 34.59 11.14 2.29
C ASP A 2 33.18 11.77 2.32
N ALA A 3 33.12 13.08 2.13
CA ALA A 3 31.88 13.82 2.37
C ALA A 3 30.90 13.70 1.22
N GLN A 4 29.63 13.52 1.56
CA GLN A 4 28.56 13.56 0.58
C GLN A 4 27.45 14.46 1.09
N THR A 5 26.68 15.00 0.16
CA THR A 5 25.68 16.02 0.50
C THR A 5 24.27 15.43 0.54
N VAL A 6 23.53 15.79 1.59
CA VAL A 6 22.15 15.37 1.75
C VAL A 6 21.21 16.12 0.81
N THR A 7 20.35 15.38 0.11
CA THR A 7 19.45 15.95 -0.89
C THR A 7 17.97 15.89 -0.52
N SER A 8 17.62 15.07 0.46
CA SER A 8 16.24 14.92 0.91
C SER A 8 16.22 14.29 2.28
N VAL A 9 15.27 14.71 3.12
CA VAL A 9 15.04 14.08 4.42
C VAL A 9 13.55 13.92 4.68
N ARG A 10 13.14 12.75 5.17
CA ARG A 10 11.76 12.53 5.61
C ARG A 10 11.75 11.92 7.00
N HIS A 11 10.99 12.53 7.91
CA HIS A 11 10.83 11.97 9.24
C HIS A 11 9.55 11.18 9.31
N TRP A 12 9.65 9.93 9.73
CA TRP A 12 8.50 9.02 9.76
C TRP A 12 7.88 8.99 11.14
N THR A 13 8.75 8.89 12.14
CA THR A 13 8.38 9.06 13.54
C THR A 13 9.56 9.72 14.23
N ASP A 14 9.43 10.00 15.53
CA ASP A 14 10.57 10.56 16.22
C ASP A 14 11.73 9.58 16.32
N THR A 15 11.51 8.30 16.01
CA THR A 15 12.60 7.32 16.06
C THR A 15 12.93 6.66 14.73
N LEU A 16 12.40 7.22 13.65
CA LEU A 16 12.65 6.71 12.29
C LEU A 16 12.70 7.83 11.27
N PHE A 17 13.75 7.89 10.47
CA PHE A 17 13.82 8.87 9.40
C PHE A 17 14.61 8.30 8.23
N SER A 18 14.31 8.78 7.04
CA SER A 18 15.08 8.42 5.84
C SER A 18 15.72 9.66 5.23
N PHE A 19 16.81 9.45 4.49
CA PHE A 19 17.43 10.58 3.79
C PHE A 19 18.12 10.07 2.55
N ARG A 20 18.31 10.97 1.59
CA ARG A 20 19.05 10.67 0.37
C ARG A 20 20.30 11.55 0.33
N VAL A 21 21.37 11.02 -0.27
CA VAL A 21 22.64 11.74 -0.33
C VAL A 21 23.28 11.53 -1.68
N THR A 22 24.20 12.43 -2.03
CA THR A 22 24.91 12.28 -3.29
C THR A 22 25.80 11.04 -3.25
N ARG A 23 26.05 10.48 -4.43
CA ARG A 23 26.74 9.22 -4.55
C ARG A 23 28.22 9.41 -4.89
N PRO A 24 29.12 8.75 -4.13
CA PRO A 24 30.54 8.84 -4.48
C PRO A 24 30.82 8.27 -5.86
N GLN A 25 31.72 8.91 -6.61
CA GLN A 25 31.96 8.49 -7.97
C GLN A 25 32.48 7.06 -8.05
N THR A 26 33.25 6.65 -7.06
CA THR A 26 33.88 5.34 -7.09
C THR A 26 33.02 4.24 -6.48
N LEU A 27 31.83 4.58 -5.98
CA LEU A 27 31.03 3.55 -5.36
C LEU A 27 30.39 2.66 -6.43
N ARG A 28 30.74 1.38 -6.38
CA ARG A 28 30.06 0.37 -7.17
C ARG A 28 29.60 -0.70 -6.21
N PHE A 29 28.29 -0.97 -6.16
CA PHE A 29 27.79 -1.98 -5.25
C PHE A 29 26.69 -2.81 -5.89
N ARG A 30 26.36 -3.89 -5.20
CA ARG A 30 25.24 -4.73 -5.54
C ARG A 30 24.12 -4.46 -4.56
N SER A 31 22.89 -4.39 -5.08
CA SER A 31 21.72 -4.12 -4.22
C SER A 31 21.68 -5.09 -3.08
N GLY A 32 21.50 -4.55 -1.88
CA GLY A 32 21.50 -5.31 -0.65
C GLY A 32 22.72 -5.10 0.22
N GLU A 33 23.80 -4.59 -0.36
CA GLU A 33 25.03 -4.32 0.39
C GLU A 33 24.92 -3.10 1.31
N PHE A 34 25.87 -3.01 2.24
CA PHE A 34 25.96 -1.90 3.18
C PHE A 34 27.32 -1.22 3.11
N VAL A 35 27.33 0.02 3.60
CA VAL A 35 28.52 0.83 3.69
C VAL A 35 28.58 1.47 5.09
N MET A 36 29.68 2.11 5.40
CA MET A 36 29.78 2.90 6.63
C MET A 36 29.52 4.39 6.38
N ILE A 37 28.67 4.99 7.22
CA ILE A 37 28.43 6.42 7.21
C ILE A 37 28.59 6.99 8.62
N GLY A 38 28.71 8.32 8.70
CA GLY A 38 28.96 8.93 9.99
C GLY A 38 29.01 10.43 9.99
N LEU A 39 29.31 10.95 11.18
CA LEU A 39 29.48 12.37 11.45
C LEU A 39 30.65 12.54 12.42
N LEU A 40 31.16 13.76 12.57
CA LEU A 40 32.22 14.03 13.55
C LEU A 40 31.67 14.35 14.95
N ASP A 41 32.35 13.88 15.99
CA ASP A 41 31.96 14.22 17.36
C ASP A 41 32.55 15.58 17.74
N ASP A 42 32.40 15.95 19.02
CA ASP A 42 32.82 17.26 19.49
C ASP A 42 34.31 17.50 19.33
N ASN A 43 35.09 16.42 19.34
CA ASN A 43 36.54 16.53 19.28
C ASN A 43 37.06 16.24 17.87
N GLY A 44 36.15 16.19 16.90
CA GLY A 44 36.54 16.03 15.52
C GLY A 44 36.80 14.60 15.10
N LYS A 45 36.41 13.63 15.94
CA LYS A 45 36.62 12.21 15.65
C LYS A 45 35.40 11.59 14.98
N PRO A 46 35.61 10.81 13.92
CA PRO A 46 34.41 10.23 13.28
C PRO A 46 33.63 9.28 14.19
N ILE A 47 32.31 9.34 14.04
CA ILE A 47 31.38 8.40 14.64
C ILE A 47 30.79 7.65 13.45
N MET A 48 31.28 6.43 13.22
CA MET A 48 30.96 5.66 12.01
C MET A 48 30.13 4.42 12.29
N ARG A 49 29.12 4.19 11.45
CA ARG A 49 28.23 3.05 11.64
C ARG A 49 27.88 2.38 10.32
N ALA A 50 27.74 1.06 10.37
CA ALA A 50 27.26 0.27 9.23
C ALA A 50 25.80 0.64 8.89
N TYR A 51 25.53 0.89 7.62
CA TYR A 51 24.18 1.17 7.12
C TYR A 51 23.89 0.47 5.81
N SER A 52 22.80 -0.27 5.75
CA SER A 52 22.32 -0.80 4.48
C SER A 52 22.02 0.34 3.51
N ILE A 53 22.44 0.21 2.24
CA ILE A 53 21.99 1.16 1.24
C ILE A 53 20.54 0.78 0.85
N ALA A 54 19.63 1.74 0.94
CA ALA A 54 18.21 1.49 0.72
C ALA A 54 17.75 1.76 -0.71
N SER A 55 18.64 2.30 -1.53
CA SER A 55 18.37 2.51 -2.94
C SER A 55 19.00 1.39 -3.77
N PRO A 56 18.39 1.07 -4.93
CA PRO A 56 18.95 0.01 -5.78
C PRO A 56 20.25 0.49 -6.42
N ALA A 57 21.10 -0.45 -6.83
CA ALA A 57 22.41 -0.14 -7.37
C ALA A 57 22.39 0.79 -8.56
N TRP A 58 21.33 0.75 -9.36
CA TRP A 58 21.25 1.61 -10.55
C TRP A 58 21.01 3.10 -10.23
N ASP A 59 20.50 3.41 -9.04
CA ASP A 59 20.10 4.79 -8.68
C ASP A 59 21.33 5.68 -8.43
N GLU A 60 21.40 6.82 -9.12
CA GLU A 60 22.53 7.76 -9.03
C GLU A 60 22.61 8.46 -7.67
N GLU A 61 21.53 8.38 -6.93
CA GLU A 61 21.44 8.94 -5.59
C GLU A 61 21.24 7.80 -4.61
N LEU A 62 21.81 7.95 -3.43
CA LEU A 62 21.73 6.94 -2.38
C LEU A 62 20.65 7.28 -1.37
N GLU A 63 20.01 6.25 -0.84
CA GLU A 63 18.97 6.39 0.18
C GLU A 63 19.34 5.54 1.38
N PHE A 64 18.98 6.04 2.57
CA PHE A 64 19.18 5.36 3.84
C PHE A 64 17.91 5.48 4.68
N TYR A 65 17.66 4.46 5.48
CA TYR A 65 16.53 4.41 6.42
C TYR A 65 17.09 4.16 7.79
N SER A 66 16.88 5.10 8.70
CA SER A 66 17.60 5.16 9.95
C SER A 66 16.72 5.16 11.18
N ILE A 67 17.19 4.44 12.20
CA ILE A 67 16.67 4.57 13.55
C ILE A 67 17.16 5.89 14.14
N LYS A 68 16.48 6.37 15.18
CA LYS A 68 17.04 7.36 16.09
C LYS A 68 17.02 6.77 17.47
N VAL A 69 18.20 6.54 18.04
CA VAL A 69 18.37 6.08 19.41
C VAL A 69 18.66 7.33 20.24
N PRO A 70 17.84 7.62 21.27
CA PRO A 70 17.97 8.89 22.00
C PRO A 70 19.36 9.18 22.53
N ASP A 71 20.06 8.16 23.00
CA ASP A 71 21.41 8.36 23.51
C ASP A 71 22.45 7.70 22.62
N GLY A 72 22.07 7.43 21.37
CA GLY A 72 22.96 6.79 20.42
C GLY A 72 23.97 7.79 19.87
N PRO A 73 25.27 7.46 19.93
CA PRO A 73 26.28 8.43 19.50
C PRO A 73 26.07 8.99 18.08
N LEU A 74 25.75 8.13 17.10
CA LEU A 74 25.54 8.64 15.77
C LEU A 74 24.16 9.24 15.59
N THR A 75 23.13 8.48 15.91
CA THR A 75 21.81 8.87 15.45
C THR A 75 21.17 9.97 16.29
N SER A 76 21.65 10.20 17.50
CA SER A 76 21.23 11.37 18.26
C SER A 76 21.57 12.65 17.51
N ARG A 77 22.65 12.61 16.73
CA ARG A 77 23.08 13.71 15.88
C ARG A 77 22.49 13.61 14.45
N LEU A 78 22.53 12.41 13.87
CA LEU A 78 22.10 12.20 12.49
C LEU A 78 20.63 12.57 12.26
N GLN A 79 19.81 12.45 13.30
CA GLN A 79 18.38 12.77 13.17
C GLN A 79 18.15 14.22 12.77
N HIS A 80 19.15 15.08 13.02
CA HIS A 80 19.01 16.51 12.76
C HIS A 80 19.61 16.93 11.41
N ILE A 81 19.98 15.95 10.59
CA ILE A 81 20.57 16.26 9.30
C ILE A 81 19.55 16.97 8.40
N LYS A 82 20.07 17.91 7.61
CA LYS A 82 19.27 18.74 6.71
C LYS A 82 19.77 18.71 5.29
N VAL A 83 18.86 18.94 4.36
CA VAL A 83 19.26 19.12 2.97
C VAL A 83 20.37 20.17 2.88
N GLY A 84 21.45 19.82 2.18
CA GLY A 84 22.57 20.71 1.98
C GLY A 84 23.75 20.51 2.91
N GLU A 85 23.51 19.74 3.98
CA GLU A 85 24.52 19.37 4.93
C GLU A 85 25.23 18.12 4.44
N GLN A 86 26.38 17.82 5.04
CA GLN A 86 27.20 16.69 4.65
C GLN A 86 27.24 15.58 5.69
N ILE A 87 27.41 14.36 5.19
CA ILE A 87 27.74 13.21 6.00
C ILE A 87 29.05 12.60 5.51
N ILE A 88 29.68 11.80 6.36
CA ILE A 88 30.81 10.95 5.95
C ILE A 88 30.23 9.69 5.32
N LEU A 89 30.74 9.27 4.15
CA LEU A 89 30.30 8.01 3.56
C LEU A 89 31.51 7.32 2.99
N ARG A 90 31.91 6.20 3.59
CA ARG A 90 33.04 5.43 3.06
C ARG A 90 32.56 4.47 1.95
N PRO A 91 33.05 4.67 0.71
CA PRO A 91 32.47 3.94 -0.42
C PRO A 91 33.05 2.53 -0.57
N LYS A 92 32.91 1.72 0.48
CA LYS A 92 33.43 0.34 0.48
C LYS A 92 32.30 -0.59 0.85
N PRO A 93 31.61 -1.11 -0.16
CA PRO A 93 30.44 -1.92 0.17
C PRO A 93 30.79 -3.34 0.57
N VAL A 94 30.00 -3.84 1.50
CA VAL A 94 30.14 -5.22 2.00
C VAL A 94 28.75 -5.76 2.32
N GLY A 95 28.68 -7.01 2.77
CA GLY A 95 27.42 -7.61 3.15
C GLY A 95 27.12 -8.88 2.39
N THR A 96 26.26 -9.71 2.97
CA THR A 96 25.87 -10.97 2.32
C THR A 96 24.44 -11.01 1.79
N LEU A 97 23.70 -9.92 1.89
CA LEU A 97 22.31 -9.89 1.41
C LEU A 97 22.30 -9.55 -0.07
N VAL A 98 22.92 -10.42 -0.86
CA VAL A 98 23.06 -10.19 -2.30
C VAL A 98 22.61 -11.47 -3.03
N ILE A 99 22.06 -11.28 -4.21
CA ILE A 99 21.52 -12.40 -4.96
C ILE A 99 22.63 -13.40 -5.29
N ASP A 100 23.86 -12.91 -5.46
CA ASP A 100 25.01 -13.78 -5.75
C ASP A 100 25.30 -14.79 -4.64
N ALA A 101 24.79 -14.54 -3.44
CA ALA A 101 25.09 -15.37 -2.26
C ALA A 101 24.04 -16.46 -2.01
N LEU A 102 23.10 -16.59 -2.92
CA LEU A 102 22.06 -17.59 -2.86
C LEU A 102 22.15 -18.50 -4.06
N LEU A 103 21.81 -19.78 -3.88
CA LEU A 103 21.61 -20.65 -5.03
C LEU A 103 20.50 -20.11 -5.90
N PRO A 104 20.61 -20.29 -7.22
CA PRO A 104 19.47 -19.97 -8.09
C PRO A 104 18.20 -20.68 -7.61
N GLY A 105 17.06 -20.03 -7.78
CA GLY A 105 15.79 -20.59 -7.36
C GLY A 105 14.61 -19.96 -8.07
N LYS A 106 13.42 -20.15 -7.50
CA LYS A 106 12.18 -19.69 -8.11
C LYS A 106 11.45 -18.62 -7.31
N ARG A 107 11.54 -18.67 -5.98
CA ARG A 107 10.94 -17.65 -5.12
C ARG A 107 11.96 -17.09 -4.17
N LEU A 108 11.94 -15.76 -4.04
CA LEU A 108 12.88 -15.03 -3.22
C LEU A 108 12.11 -14.32 -2.11
N TRP A 109 12.52 -14.59 -0.88
CA TRP A 109 11.87 -14.02 0.29
C TRP A 109 12.76 -12.99 0.98
N PHE A 110 12.18 -11.83 1.28
CA PHE A 110 12.83 -10.81 2.07
C PHE A 110 12.12 -10.75 3.43
N LEU A 111 12.87 -10.99 4.50
CA LEU A 111 12.31 -11.12 5.84
C LEU A 111 12.97 -10.08 6.74
N ALA A 112 12.19 -9.09 7.15
CA ALA A 112 12.71 -7.90 7.80
C ALA A 112 11.84 -7.42 8.94
N THR A 113 12.47 -6.88 9.94
CA THR A 113 11.77 -6.15 11.00
C THR A 113 12.45 -4.80 11.18
N GLY A 114 11.66 -3.79 11.52
CA GLY A 114 12.18 -2.46 11.79
C GLY A 114 12.97 -1.92 10.63
N THR A 115 14.13 -1.33 10.93
CA THR A 115 14.98 -0.76 9.87
C THR A 115 15.57 -1.83 8.96
N GLY A 116 15.40 -3.09 9.30
CA GLY A 116 15.85 -4.19 8.47
C GLY A 116 15.22 -4.24 7.10
N ILE A 117 14.15 -3.47 6.88
CA ILE A 117 13.61 -3.36 5.53
C ILE A 117 14.60 -2.66 4.59
N ALA A 118 15.55 -1.91 5.14
CA ALA A 118 16.41 -1.07 4.28
C ALA A 118 17.10 -1.77 3.09
N PRO A 119 17.79 -2.92 3.29
CA PRO A 119 18.45 -3.54 2.13
C PRO A 119 17.43 -4.05 1.11
N PHE A 120 16.21 -4.26 1.57
CA PHE A 120 15.13 -4.77 0.72
C PHE A 120 14.40 -3.63 0.02
N ALA A 121 14.50 -2.42 0.55
CA ALA A 121 14.14 -1.21 -0.19
C ALA A 121 15.00 -1.13 -1.46
N SER A 122 16.24 -1.58 -1.34
CA SER A 122 17.14 -1.65 -2.48
C SER A 122 16.76 -2.81 -3.40
N LEU A 123 16.71 -4.01 -2.83
CA LEU A 123 16.48 -5.19 -3.64
C LEU A 123 15.10 -5.27 -4.31
N MET A 124 14.07 -4.75 -3.66
CA MET A 124 12.74 -4.71 -4.28
C MET A 124 12.75 -3.88 -5.53
N ARG A 125 13.74 -3.00 -5.67
CA ARG A 125 13.83 -2.13 -6.84
C ARG A 125 14.99 -2.55 -7.77
N GLU A 126 15.50 -3.76 -7.55
CA GLU A 126 16.63 -4.30 -8.31
C GLU A 126 16.13 -5.21 -9.44
N PRO A 127 16.38 -4.83 -10.70
CA PRO A 127 15.89 -5.68 -11.78
C PRO A 127 16.33 -7.15 -11.69
N GLU A 128 17.53 -7.42 -11.19
CA GLU A 128 18.04 -8.80 -11.14
C GLU A 128 17.13 -9.69 -10.30
N ALA A 129 16.44 -9.12 -9.30
CA ALA A 129 15.55 -9.93 -8.48
C ALA A 129 14.42 -10.52 -9.30
N TYR A 130 13.91 -9.72 -10.23
CA TYR A 130 12.77 -10.12 -11.03
C TYR A 130 13.20 -10.90 -12.27
N GLU A 131 14.43 -10.66 -12.72
CA GLU A 131 15.04 -11.47 -13.77
C GLU A 131 15.29 -12.91 -13.32
N LYS A 132 15.74 -13.10 -12.08
CA LYS A 132 16.23 -14.40 -11.62
C LYS A 132 15.17 -15.17 -10.82
N PHE A 133 14.09 -14.50 -10.41
CA PHE A 133 13.02 -15.15 -9.62
C PHE A 133 11.61 -14.88 -10.20
N ASP A 134 10.72 -15.85 -10.04
CA ASP A 134 9.35 -15.69 -10.52
C ASP A 134 8.46 -14.97 -9.51
N GLU A 135 8.82 -15.06 -8.23
CA GLU A 135 8.08 -14.37 -7.17
C GLU A 135 9.05 -13.84 -6.14
N VAL A 136 8.74 -12.65 -5.64
CA VAL A 136 9.54 -11.98 -4.64
C VAL A 136 8.59 -11.61 -3.53
N ILE A 137 8.83 -12.14 -2.32
CA ILE A 137 7.91 -11.96 -1.21
C ILE A 137 8.56 -11.09 -0.14
N MET A 138 7.96 -9.92 0.12
CA MET A 138 8.47 -8.99 1.12
C MET A 138 7.64 -9.06 2.40
N MET A 139 8.19 -9.68 3.44
CA MET A 139 7.56 -9.69 4.76
C MET A 139 8.24 -8.64 5.63
N HIS A 140 7.48 -7.64 6.07
CA HIS A 140 7.99 -6.62 6.98
C HIS A 140 7.11 -6.57 8.22
N ALA A 141 7.67 -6.94 9.38
CA ALA A 141 6.93 -6.91 10.63
C ALA A 141 7.49 -5.84 11.55
N CYS A 142 6.61 -4.96 12.04
CA CYS A 142 6.95 -3.98 13.05
C CYS A 142 5.90 -3.99 14.16
N ARG A 143 6.14 -3.31 15.27
CA ARG A 143 5.17 -3.25 16.35
C ARG A 143 3.94 -2.41 15.98
N THR A 144 4.17 -1.27 15.34
CA THR A 144 3.12 -0.28 15.11
C THR A 144 2.95 0.08 13.64
N VAL A 145 1.77 0.61 13.31
CA VAL A 145 1.49 1.00 11.94
C VAL A 145 2.43 2.08 11.44
N ALA A 146 2.75 3.06 12.27
CA ALA A 146 3.62 4.15 11.84
C ALA A 146 5.01 3.67 11.47
N GLU A 147 5.46 2.58 12.09
CA GLU A 147 6.77 2.01 11.75
C GLU A 147 6.80 1.37 10.35
N LEU A 148 5.63 1.01 9.80
CA LEU A 148 5.55 0.47 8.44
C LEU A 148 5.53 1.52 7.33
N GLU A 149 5.35 2.79 7.71
CA GLU A 149 4.99 3.83 6.73
C GLU A 149 6.04 4.04 5.61
N TYR A 150 7.33 4.11 5.96
CA TYR A 150 8.36 4.29 4.94
C TYR A 150 8.24 3.21 3.86
N GLY A 151 8.13 1.96 4.29
CA GLY A 151 8.03 0.84 3.38
C GLY A 151 6.74 0.81 2.60
N ARG A 152 5.63 1.14 3.25
CA ARG A 152 4.32 1.12 2.57
C ARG A 152 4.31 2.16 1.44
N GLN A 153 4.85 3.35 1.72
CA GLN A 153 4.93 4.40 0.69
C GLN A 153 5.94 3.99 -0.39
N LEU A 154 7.03 3.34 -0.01
CA LEU A 154 7.99 2.86 -1.01
C LEU A 154 7.32 1.89 -1.96
N VAL A 155 6.58 0.93 -1.42
CA VAL A 155 5.93 -0.05 -2.28
C VAL A 155 4.83 0.60 -3.14
N GLU A 156 4.03 1.53 -2.59
CA GLU A 156 3.04 2.20 -3.40
C GLU A 156 3.72 2.91 -4.55
N ALA A 157 4.81 3.59 -4.27
CA ALA A 157 5.45 4.39 -5.27
C ALA A 157 6.17 3.52 -6.33
N LEU A 158 6.73 2.39 -5.94
CA LEU A 158 7.39 1.54 -6.91
C LEU A 158 6.36 0.85 -7.81
N GLN A 159 5.20 0.52 -7.24
CA GLN A 159 4.12 -0.12 -8.00
C GLN A 159 3.52 0.86 -9.04
N GLU A 160 3.63 2.16 -8.78
CA GLU A 160 3.11 3.21 -9.66
C GLU A 160 4.13 3.63 -10.69
N ASP A 161 5.37 3.30 -10.43
CA ASP A 161 6.48 3.75 -11.28
C ASP A 161 6.39 3.02 -12.61
N PRO A 162 6.43 3.76 -13.71
CA PRO A 162 6.20 3.04 -14.96
C PRO A 162 7.30 2.00 -15.27
N LEU A 163 8.52 2.22 -14.80
CA LEU A 163 9.62 1.31 -15.13
C LEU A 163 9.69 0.17 -14.12
N ILE A 164 9.83 0.49 -12.85
CA ILE A 164 9.89 -0.55 -11.83
C ILE A 164 8.55 -1.25 -11.69
N GLY A 165 7.45 -0.49 -11.75
CA GLY A 165 6.15 -1.09 -11.62
C GLY A 165 5.95 -2.20 -12.63
N GLU A 166 6.46 -2.00 -13.84
CA GLU A 166 6.34 -3.00 -14.89
C GLU A 166 7.16 -4.25 -14.57
N LEU A 167 8.34 -4.08 -13.99
CA LEU A 167 9.17 -5.23 -13.71
C LEU A 167 8.58 -6.08 -12.61
N VAL A 168 7.96 -5.45 -11.60
CA VAL A 168 7.51 -6.17 -10.43
C VAL A 168 6.11 -6.75 -10.58
N GLU A 169 5.39 -6.34 -11.61
CA GLU A 169 4.00 -6.72 -11.81
C GLU A 169 3.84 -8.25 -11.84
N GLY A 170 2.99 -8.77 -10.96
CA GLY A 170 2.75 -10.20 -10.87
C GLY A 170 3.88 -11.02 -10.26
N LYS A 171 4.88 -10.35 -9.70
CA LYS A 171 6.03 -10.98 -9.08
C LYS A 171 6.20 -10.57 -7.62
N LEU A 172 6.17 -9.26 -7.34
CA LEU A 172 6.33 -8.79 -5.98
C LEU A 172 5.04 -8.96 -5.18
N LYS A 173 5.16 -9.62 -4.04
CA LYS A 173 4.07 -9.74 -3.10
C LYS A 173 4.50 -9.06 -1.81
N TYR A 174 3.74 -8.06 -1.39
CA TYR A 174 4.12 -7.27 -0.22
C TYR A 174 3.22 -7.63 0.97
N TYR A 175 3.85 -8.06 2.07
CA TYR A 175 3.13 -8.60 3.21
C TYR A 175 3.56 -7.89 4.48
N PRO A 176 3.13 -6.63 4.63
CA PRO A 176 3.42 -5.92 5.89
C PRO A 176 2.54 -6.40 7.03
N THR A 177 3.08 -6.49 8.24
CA THR A 177 2.29 -6.78 9.41
C THR A 177 2.69 -5.93 10.60
N THR A 178 1.76 -5.76 11.52
CA THR A 178 2.09 -5.22 12.83
C THR A 178 1.98 -6.30 13.88
N THR A 179 2.68 -6.12 14.99
CA THR A 179 2.60 -7.07 16.10
C THR A 179 1.95 -6.52 17.36
N ARG A 180 1.78 -5.21 17.46
CA ARG A 180 1.22 -4.59 18.70
C ARG A 180 0.09 -3.60 18.47
N GLU A 181 -0.25 -3.35 17.21
CA GLU A 181 -1.37 -2.48 16.85
C GLU A 181 -2.22 -3.23 15.85
N GLU A 182 -3.51 -2.88 15.78
CA GLU A 182 -4.37 -3.51 14.80
C GLU A 182 -4.01 -3.02 13.40
N PHE A 183 -4.06 -3.94 12.45
CA PHE A 183 -3.69 -3.69 11.04
C PHE A 183 -4.33 -4.80 10.24
N HIS A 184 -4.40 -4.69 8.92
CA HIS A 184 -5.18 -5.65 8.14
C HIS A 184 -4.57 -7.04 8.21
N HIS A 185 -3.26 -7.10 8.37
CA HIS A 185 -2.58 -8.37 8.65
C HIS A 185 -1.61 -8.16 9.80
N MET A 186 -1.55 -9.15 10.68
CA MET A 186 -0.75 -9.00 11.90
C MET A 186 0.13 -10.21 12.13
N GLY A 187 1.08 -10.05 13.03
CA GLY A 187 1.87 -11.17 13.52
C GLY A 187 3.32 -11.18 13.12
N ARG A 188 4.12 -11.83 13.94
CA ARG A 188 5.54 -11.97 13.68
C ARG A 188 5.79 -12.81 12.43
N ILE A 189 6.89 -12.49 11.72
CA ILE A 189 7.32 -13.30 10.58
C ILE A 189 7.56 -14.75 11.00
N THR A 190 8.28 -14.94 12.11
CA THR A 190 8.56 -16.27 12.62
C THR A 190 7.26 -17.06 12.76
N ASP A 191 6.28 -16.45 13.42
CA ASP A 191 5.02 -17.10 13.70
C ASP A 191 4.20 -17.34 12.42
N ASN A 192 4.15 -16.37 11.51
CA ASN A 192 3.34 -16.51 10.30
C ASN A 192 3.95 -17.48 9.27
N LEU A 193 5.28 -17.67 9.32
CA LEU A 193 5.91 -18.72 8.52
C LEU A 193 5.67 -20.08 9.16
N ALA A 194 5.82 -20.14 10.48
CA ALA A 194 5.72 -21.44 11.14
C ALA A 194 4.30 -22.00 11.07
N SER A 195 3.29 -21.14 11.19
CA SER A 195 1.88 -21.57 11.13
C SER A 195 1.40 -21.78 9.71
N GLY A 196 2.17 -21.26 8.76
CA GLY A 196 1.77 -21.26 7.37
C GLY A 196 0.79 -20.15 7.01
N LYS A 197 0.52 -19.22 7.93
CA LYS A 197 -0.42 -18.13 7.65
C LYS A 197 -0.03 -17.34 6.41
N VAL A 198 1.24 -17.03 6.22
CA VAL A 198 1.62 -16.26 5.04
C VAL A 198 1.34 -17.06 3.76
N PHE A 199 1.48 -18.38 3.81
CA PHE A 199 1.18 -19.22 2.63
C PHE A 199 -0.33 -19.19 2.34
N GLU A 200 -1.12 -19.30 3.41
CA GLU A 200 -2.58 -19.23 3.31
C GLU A 200 -3.03 -17.90 2.75
N ASP A 201 -2.49 -16.83 3.32
CA ASP A 201 -2.89 -15.48 2.97
C ASP A 201 -2.56 -15.14 1.51
N LEU A 202 -1.36 -15.49 1.08
CA LEU A 202 -0.92 -15.19 -0.28
C LEU A 202 -1.34 -16.27 -1.28
N GLY A 203 -1.83 -17.40 -0.77
CA GLY A 203 -2.31 -18.46 -1.62
C GLY A 203 -1.19 -19.12 -2.40
N ILE A 204 -0.07 -19.35 -1.73
CA ILE A 204 1.12 -19.94 -2.35
C ILE A 204 1.56 -21.23 -1.63
N ALA A 205 2.33 -22.06 -2.33
CA ALA A 205 2.82 -23.32 -1.77
C ALA A 205 3.74 -23.07 -0.58
N PRO A 206 3.72 -23.97 0.41
CA PRO A 206 4.64 -23.80 1.54
C PRO A 206 6.10 -23.82 1.14
N MET A 207 6.92 -23.23 2.01
CA MET A 207 8.34 -23.07 1.80
C MET A 207 9.02 -24.42 1.63
N ASN A 208 9.94 -24.50 0.67
CA ASN A 208 10.72 -25.70 0.46
C ASN A 208 12.07 -25.38 -0.14
N PRO A 209 13.07 -26.19 0.21
CA PRO A 209 14.44 -25.85 -0.20
C PRO A 209 14.71 -26.03 -1.69
N GLU A 210 13.83 -26.71 -2.41
CA GLU A 210 14.05 -26.84 -3.86
C GLU A 210 13.85 -25.50 -4.57
N THR A 211 12.81 -24.76 -4.19
CA THR A 211 12.44 -23.54 -4.91
C THR A 211 12.73 -22.23 -4.17
N ASP A 212 12.76 -22.26 -2.85
CA ASP A 212 12.81 -21.01 -2.07
C ASP A 212 14.19 -20.58 -1.63
N ARG A 213 14.40 -19.28 -1.74
CA ARG A 213 15.59 -18.62 -1.27
C ARG A 213 15.17 -17.46 -0.39
N ALA A 214 15.94 -17.20 0.66
CA ALA A 214 15.53 -16.18 1.62
C ALA A 214 16.69 -15.34 2.13
N MET A 215 16.36 -14.08 2.43
CA MET A 215 17.26 -13.13 3.04
C MET A 215 16.62 -12.57 4.30
N VAL A 216 17.42 -12.43 5.36
CA VAL A 216 16.92 -11.98 6.66
C VAL A 216 17.72 -10.76 7.13
N CYS A 217 17.05 -9.71 7.58
CA CYS A 217 17.74 -8.54 8.13
C CYS A 217 16.99 -7.97 9.34
N GLY A 218 17.68 -7.90 10.46
CA GLY A 218 17.10 -7.26 11.64
C GLY A 218 17.96 -7.54 12.85
N SER A 219 17.36 -7.45 14.03
CA SER A 219 18.05 -7.71 15.27
C SER A 219 18.58 -9.13 15.37
N LEU A 220 19.46 -9.35 16.35
CA LEU A 220 20.00 -10.68 16.63
C LEU A 220 18.88 -11.68 16.95
N ALA A 221 17.94 -11.29 17.82
CA ALA A 221 16.86 -12.15 18.27
C ALA A 221 15.97 -12.53 17.11
N PHE A 222 15.65 -11.54 16.29
CA PHE A 222 14.86 -11.73 15.09
C PHE A 222 15.51 -12.77 14.20
N ASN A 223 16.78 -12.56 13.90
CA ASN A 223 17.51 -13.50 13.05
C ASN A 223 17.51 -14.91 13.64
N VAL A 224 17.77 -15.04 14.93
CA VAL A 224 17.80 -16.37 15.55
C VAL A 224 16.46 -17.09 15.41
N ASP A 225 15.37 -16.38 15.73
CA ASP A 225 14.04 -16.97 15.65
C ASP A 225 13.67 -17.37 14.22
N VAL A 226 13.93 -16.49 13.26
CA VAL A 226 13.54 -16.71 11.87
C VAL A 226 14.36 -17.84 11.26
N MET A 227 15.66 -17.88 11.57
CA MET A 227 16.54 -18.94 11.06
C MET A 227 16.03 -20.30 11.47
N LYS A 228 15.53 -20.43 12.70
CA LYS A 228 15.08 -21.74 13.13
C LYS A 228 13.90 -22.21 12.29
N VAL A 229 13.01 -21.28 11.95
CA VAL A 229 11.84 -21.59 11.13
C VAL A 229 12.26 -21.91 9.70
N LEU A 230 13.18 -21.14 9.13
CA LEU A 230 13.68 -21.47 7.79
C LEU A 230 14.28 -22.86 7.77
N GLU A 231 15.06 -23.20 8.78
CA GLU A 231 15.70 -24.51 8.86
C GLU A 231 14.66 -25.61 9.02
N SER A 232 13.56 -25.28 9.69
CA SER A 232 12.51 -26.28 9.87
C SER A 232 11.90 -26.69 8.53
N TYR A 233 11.99 -25.82 7.53
CA TYR A 233 11.47 -26.10 6.19
C TYR A 233 12.53 -26.68 5.28
N GLY A 234 13.75 -26.84 5.82
CA GLY A 234 14.82 -27.50 5.10
C GLY A 234 15.80 -26.56 4.43
N LEU A 235 15.60 -25.26 4.60
CA LEU A 235 16.52 -24.27 4.01
C LEU A 235 17.78 -24.18 4.87
N ARG A 236 18.93 -24.04 4.21
CA ARG A 236 20.22 -23.96 4.88
C ARG A 236 20.91 -22.61 4.65
N GLU A 237 21.63 -22.13 5.65
CA GLU A 237 22.43 -20.92 5.52
C GLU A 237 23.65 -21.16 4.62
N GLY A 238 23.95 -20.22 3.75
CA GLY A 238 25.10 -20.38 2.91
C GLY A 238 25.99 -19.16 2.83
N ALA A 239 25.37 -18.02 2.54
CA ALA A 239 26.11 -16.82 2.17
C ALA A 239 27.02 -17.28 1.02
N ASN A 240 28.22 -16.72 0.92
CA ASN A 240 29.24 -17.25 0.03
C ASN A 240 30.52 -17.14 0.88
N SER A 241 31.36 -18.18 0.94
CA SER A 241 31.83 -19.03 -0.15
C SER A 241 31.05 -20.19 -0.79
N GLU A 242 29.96 -20.61 -0.16
CA GLU A 242 29.16 -21.75 -0.60
C GLU A 242 27.69 -21.40 -0.54
N PRO A 243 27.13 -20.88 -1.63
CA PRO A 243 25.72 -20.48 -1.52
C PRO A 243 24.79 -21.63 -1.28
N ARG A 244 23.76 -21.38 -0.47
CA ARG A 244 22.71 -22.37 -0.22
C ARG A 244 21.36 -21.66 -0.32
N GLU A 245 20.46 -21.85 0.64
CA GLU A 245 19.11 -21.35 0.48
C GLU A 245 18.80 -20.06 1.22
N PHE A 246 19.58 -19.69 2.24
CA PHE A 246 19.34 -18.38 2.83
C PHE A 246 20.60 -17.71 3.33
N VAL A 247 20.46 -16.41 3.53
CA VAL A 247 21.52 -15.56 4.04
C VAL A 247 20.90 -14.64 5.08
N VAL A 248 21.72 -14.23 6.05
CA VAL A 248 21.26 -13.37 7.13
C VAL A 248 22.22 -12.24 7.42
N GLU A 249 21.68 -11.18 7.99
CA GLU A 249 22.47 -10.03 8.41
C GLU A 249 21.87 -9.56 9.74
N LYS A 250 22.66 -9.71 10.80
CA LYS A 250 22.19 -9.36 12.13
C LYS A 250 22.87 -8.14 12.71
N TYR A 251 22.06 -7.27 13.30
CA TYR A 251 22.60 -6.20 14.12
C TYR A 251 21.95 -5.94 15.49
N PRO B 1 -36.78 -4.86 12.24
CA PRO B 1 -37.04 -3.91 11.15
C PRO B 1 -36.00 -3.96 10.01
N ASP B 2 -36.03 -5.00 9.16
CA ASP B 2 -34.99 -5.21 8.14
C ASP B 2 -33.61 -5.18 8.80
N ALA B 3 -33.53 -5.81 9.96
CA ALA B 3 -32.35 -5.66 10.80
C ALA B 3 -31.22 -6.57 10.35
N GLN B 4 -29.99 -6.06 10.41
CA GLN B 4 -28.79 -6.85 10.19
C GLN B 4 -27.83 -6.55 11.33
N THR B 5 -26.95 -7.50 11.62
CA THR B 5 -26.09 -7.43 12.80
C THR B 5 -24.67 -7.00 12.40
N VAL B 6 -24.10 -6.09 13.19
CA VAL B 6 -22.75 -5.61 12.98
C VAL B 6 -21.75 -6.69 13.43
N THR B 7 -20.79 -7.02 12.56
CA THR B 7 -19.83 -8.09 12.82
C THR B 7 -18.40 -7.58 13.03
N SER B 8 -18.15 -6.33 12.66
CA SER B 8 -16.83 -5.75 12.77
C SER B 8 -16.93 -4.22 12.67
N VAL B 9 -16.07 -3.52 13.42
CA VAL B 9 -15.97 -2.07 13.33
C VAL B 9 -14.49 -1.66 13.36
N ARG B 10 -14.10 -0.74 12.49
CA ARG B 10 -12.76 -0.13 12.53
C ARG B 10 -12.89 1.39 12.49
N HIS B 11 -12.24 2.06 13.43
CA HIS B 11 -12.17 3.51 13.44
C HIS B 11 -10.88 4.01 12.80
N TRP B 12 -11.03 4.92 11.84
CA TRP B 12 -9.89 5.42 11.08
C TRP B 12 -9.41 6.80 11.51
N THR B 13 -10.36 7.71 11.72
CA THR B 13 -10.07 9.03 12.28
C THR B 13 -11.27 9.47 13.12
N ASP B 14 -11.19 10.69 13.65
CA ASP B 14 -12.30 11.25 14.41
C ASP B 14 -13.55 11.49 13.57
N THR B 15 -13.42 11.43 12.24
CA THR B 15 -14.56 11.63 11.35
C THR B 15 -14.78 10.47 10.38
N LEU B 16 -14.10 9.34 10.60
CA LEU B 16 -14.17 8.20 9.67
C LEU B 16 -14.15 6.85 10.34
N PHE B 17 -15.09 5.99 9.98
CA PHE B 17 -15.11 4.61 10.48
C PHE B 17 -15.69 3.69 9.42
N SER B 18 -15.34 2.41 9.49
CA SER B 18 -15.95 1.39 8.64
C SER B 18 -16.59 0.34 9.51
N PHE B 19 -17.58 -0.37 8.97
CA PHE B 19 -18.15 -1.48 9.71
C PHE B 19 -18.69 -2.51 8.74
N ARG B 20 -18.81 -3.75 9.20
CA ARG B 20 -19.42 -4.80 8.42
C ARG B 20 -20.67 -5.32 9.08
N VAL B 21 -21.62 -5.78 8.27
CA VAL B 21 -22.88 -6.30 8.79
C VAL B 21 -23.25 -7.57 8.03
N THR B 22 -24.12 -8.36 8.65
CA THR B 22 -24.61 -9.55 7.99
C THR B 22 -25.44 -9.16 6.79
N ARG B 23 -25.46 -10.07 5.82
CA ARG B 23 -26.08 -9.84 4.55
C ARG B 23 -27.45 -10.51 4.49
N PRO B 24 -28.49 -9.77 4.07
CA PRO B 24 -29.81 -10.39 3.86
C PRO B 24 -29.73 -11.45 2.75
N GLN B 25 -30.35 -12.61 2.93
CA GLN B 25 -30.23 -13.65 1.90
C GLN B 25 -30.88 -13.17 0.58
N THR B 26 -31.83 -12.24 0.65
CA THR B 26 -32.53 -11.78 -0.55
C THR B 26 -31.81 -10.65 -1.28
N LEU B 27 -30.70 -10.17 -0.73
CA LEU B 27 -29.97 -9.07 -1.35
C LEU B 27 -29.11 -9.53 -2.52
N ARG B 28 -29.39 -8.99 -3.69
CA ARG B 28 -28.54 -9.16 -4.86
C ARG B 28 -28.23 -7.77 -5.40
N PHE B 29 -26.96 -7.44 -5.55
CA PHE B 29 -26.59 -6.14 -6.06
C PHE B 29 -25.40 -6.25 -7.00
N ARG B 30 -25.18 -5.16 -7.74
CA ARG B 30 -24.00 -5.00 -8.56
C ARG B 30 -23.06 -4.04 -7.85
N SER B 31 -21.78 -4.38 -7.85
CA SER B 31 -20.77 -3.57 -7.21
C SER B 31 -20.85 -2.10 -7.67
N GLY B 32 -20.87 -1.19 -6.70
CA GLY B 32 -21.03 0.22 -6.94
C GLY B 32 -22.40 0.75 -6.56
N GLU B 33 -23.38 -0.13 -6.38
CA GLU B 33 -24.72 0.30 -5.98
C GLU B 33 -24.78 0.69 -4.52
N PHE B 34 -25.83 1.42 -4.15
CA PHE B 34 -26.06 1.82 -2.78
C PHE B 34 -27.39 1.32 -2.25
N VAL B 35 -27.49 1.26 -0.91
CA VAL B 35 -28.73 0.88 -0.24
C VAL B 35 -29.01 1.90 0.85
N MET B 36 -30.23 1.86 1.36
CA MET B 36 -30.61 2.73 2.44
C MET B 36 -30.40 1.97 3.73
N ILE B 37 -29.67 2.57 4.67
CA ILE B 37 -29.46 2.02 5.99
C ILE B 37 -29.82 3.04 7.05
N GLY B 38 -29.98 2.60 8.29
CA GLY B 38 -30.40 3.52 9.31
C GLY B 38 -30.50 2.95 10.71
N LEU B 39 -30.97 3.81 11.59
CA LEU B 39 -31.19 3.49 12.99
C LEU B 39 -32.49 4.16 13.38
N LEU B 40 -33.05 3.77 14.52
CA LEU B 40 -34.25 4.44 15.03
C LEU B 40 -33.90 5.66 15.88
N ASP B 41 -34.71 6.72 15.76
CA ASP B 41 -34.48 7.90 16.58
C ASP B 41 -35.11 7.68 17.95
N ASP B 42 -35.14 8.75 18.73
CA ASP B 42 -35.61 8.72 20.10
C ASP B 42 -37.08 8.27 20.21
N ASN B 43 -37.83 8.50 19.14
CA ASN B 43 -39.25 8.16 19.10
C ASN B 43 -39.57 6.89 18.31
N GLY B 44 -38.53 6.16 17.91
CA GLY B 44 -38.73 4.91 17.18
C GLY B 44 -38.95 5.12 15.69
N LYS B 45 -38.66 6.32 15.20
CA LYS B 45 -38.82 6.63 13.78
C LYS B 45 -37.49 6.36 13.08
N PRO B 46 -37.51 5.62 11.96
CA PRO B 46 -36.22 5.38 11.29
C PRO B 46 -35.57 6.64 10.73
N ILE B 47 -34.25 6.67 10.88
CA ILE B 47 -33.39 7.67 10.28
C ILE B 47 -32.62 6.95 9.20
N MET B 48 -33.01 7.15 7.94
CA MET B 48 -32.46 6.36 6.83
C MET B 48 -31.59 7.21 5.92
N ARG B 49 -30.46 6.67 5.50
CA ARG B 49 -29.53 7.38 4.62
C ARG B 49 -28.97 6.44 3.56
N ALA B 50 -28.76 6.98 2.37
CA ALA B 50 -28.09 6.23 1.30
C ALA B 50 -26.63 5.95 1.65
N TYR B 51 -26.22 4.69 1.47
CA TYR B 51 -24.83 4.28 1.67
C TYR B 51 -24.40 3.37 0.54
N SER B 52 -23.27 3.73 -0.08
CA SER B 52 -22.60 2.85 -1.02
C SER B 52 -22.21 1.57 -0.29
N ILE B 53 -22.47 0.42 -0.88
CA ILE B 53 -21.93 -0.82 -0.33
C ILE B 53 -20.45 -0.85 -0.71
N ALA B 54 -19.57 -1.00 0.29
CA ALA B 54 -18.12 -0.88 0.06
C ALA B 54 -17.47 -2.23 -0.20
N SER B 55 -18.25 -3.29 -0.03
CA SER B 55 -17.79 -4.63 -0.36
C SER B 55 -18.30 -5.01 -1.77
N PRO B 56 -17.56 -5.88 -2.46
CA PRO B 56 -17.98 -6.31 -3.81
C PRO B 56 -19.21 -7.17 -3.73
N ALA B 57 -19.94 -7.27 -4.84
CA ALA B 57 -21.17 -8.04 -4.87
C ALA B 57 -21.02 -9.50 -4.38
N TRP B 58 -19.86 -10.11 -4.60
CA TRP B 58 -19.69 -11.50 -4.18
C TRP B 58 -19.55 -11.71 -2.67
N ASP B 59 -19.19 -10.68 -1.91
CA ASP B 59 -18.85 -10.84 -0.50
C ASP B 59 -20.05 -11.11 0.40
N GLU B 60 -19.93 -12.18 1.17
CA GLU B 60 -20.98 -12.66 2.08
C GLU B 60 -21.29 -11.69 3.19
N GLU B 61 -20.37 -10.78 3.48
CA GLU B 61 -20.62 -9.78 4.50
C GLU B 61 -20.59 -8.44 3.79
N LEU B 62 -21.39 -7.53 4.27
CA LEU B 62 -21.46 -6.20 3.68
C LEU B 62 -20.55 -5.27 4.46
N GLU B 63 -19.88 -4.38 3.76
CA GLU B 63 -18.99 -3.40 4.37
C GLU B 63 -19.47 -2.02 3.98
N PHE B 64 -19.32 -1.08 4.91
CA PHE B 64 -19.65 0.32 4.73
C PHE B 64 -18.50 1.17 5.28
N TYR B 65 -18.26 2.31 4.64
CA TYR B 65 -17.24 3.29 5.00
C TYR B 65 -17.97 4.60 5.20
N SER B 66 -17.90 5.13 6.41
CA SER B 66 -18.77 6.22 6.85
C SER B 66 -18.04 7.42 7.41
N ILE B 67 -18.58 8.58 7.05
CA ILE B 67 -18.28 9.85 7.65
C ILE B 67 -18.92 9.88 9.04
N LYS B 68 -18.41 10.74 9.92
CA LYS B 68 -19.09 11.13 11.14
C LYS B 68 -19.36 12.61 10.97
N VAL B 69 -20.63 12.95 10.83
CA VAL B 69 -21.07 14.33 10.68
C VAL B 69 -21.46 14.88 12.04
N PRO B 70 -20.85 16.01 12.43
CA PRO B 70 -21.22 16.63 13.71
C PRO B 70 -22.72 16.88 13.75
N ASP B 71 -23.34 16.34 14.79
CA ASP B 71 -24.78 16.43 15.01
C ASP B 71 -25.60 15.84 13.85
N GLY B 72 -24.99 14.96 13.06
CA GLY B 72 -25.68 14.39 11.92
C GLY B 72 -26.70 13.39 12.46
N PRO B 73 -27.97 13.49 12.03
CA PRO B 73 -28.95 12.59 12.65
C PRO B 73 -28.57 11.11 12.66
N LEU B 74 -28.07 10.57 11.55
CA LEU B 74 -27.68 9.15 11.56
C LEU B 74 -26.30 8.95 12.18
N THR B 75 -25.30 9.66 11.67
CA THR B 75 -23.92 9.26 12.01
C THR B 75 -23.51 9.72 13.40
N SER B 76 -24.22 10.67 13.99
CA SER B 76 -23.98 11.00 15.39
C SER B 76 -24.26 9.76 16.26
N ARG B 77 -25.18 8.90 15.82
CA ARG B 77 -25.47 7.64 16.50
C ARG B 77 -24.65 6.46 15.95
N LEU B 78 -24.58 6.36 14.64
CA LEU B 78 -23.93 5.23 13.99
C LEU B 78 -22.44 5.12 14.35
N GLN B 79 -21.80 6.24 14.66
CA GLN B 79 -20.37 6.23 14.99
C GLN B 79 -20.10 5.38 16.22
N HIS B 80 -21.14 5.22 17.05
CA HIS B 80 -21.00 4.50 18.31
C HIS B 80 -21.41 3.02 18.22
N ILE B 81 -21.68 2.55 17.02
CA ILE B 81 -22.18 1.18 16.85
C ILE B 81 -21.13 0.15 17.26
N LYS B 82 -21.60 -0.97 17.83
CA LYS B 82 -20.71 -2.01 18.35
C LYS B 82 -21.04 -3.35 17.71
N VAL B 83 -20.05 -4.22 17.63
CA VAL B 83 -20.26 -5.59 17.17
C VAL B 83 -21.42 -6.19 17.99
N GLY B 84 -22.36 -6.82 17.29
CA GLY B 84 -23.52 -7.45 17.91
C GLY B 84 -24.76 -6.58 17.91
N GLU B 85 -24.59 -5.28 17.65
CA GLU B 85 -25.72 -4.38 17.55
C GLU B 85 -26.28 -4.43 16.12
N GLN B 86 -27.49 -3.91 15.95
CA GLN B 86 -28.21 -3.99 14.70
C GLN B 86 -28.34 -2.66 13.98
N ILE B 87 -28.40 -2.73 12.66
CA ILE B 87 -28.81 -1.60 11.84
C ILE B 87 -30.02 -1.99 11.01
N ILE B 88 -30.72 -0.99 10.51
CA ILE B 88 -31.75 -1.20 9.49
C ILE B 88 -31.04 -1.23 8.15
N LEU B 89 -31.31 -2.23 7.30
CA LEU B 89 -30.75 -2.26 5.95
C LEU B 89 -31.84 -2.68 4.98
N ARG B 90 -32.27 -1.76 4.14
CA ARG B 90 -33.29 -2.10 3.15
C ARG B 90 -32.67 -2.67 1.90
N PRO B 91 -32.99 -3.94 1.60
CA PRO B 91 -32.26 -4.68 0.57
C PRO B 91 -32.78 -4.39 -0.83
N LYS B 92 -32.72 -3.11 -1.18
CA LYS B 92 -33.15 -2.63 -2.48
C LYS B 92 -32.05 -1.77 -3.06
N PRO B 93 -31.13 -2.37 -3.83
CA PRO B 93 -30.00 -1.57 -4.31
C PRO B 93 -30.37 -0.72 -5.51
N VAL B 94 -29.77 0.46 -5.61
CA VAL B 94 -29.96 1.35 -6.75
C VAL B 94 -28.65 2.07 -7.05
N GLY B 95 -28.62 2.88 -8.11
CA GLY B 95 -27.44 3.68 -8.42
C GLY B 95 -26.87 3.52 -9.82
N THR B 96 -26.10 4.50 -10.27
CA THR B 96 -25.51 4.42 -11.62
C THR B 96 -24.00 4.22 -11.64
N LEU B 97 -23.35 4.05 -10.49
CA LEU B 97 -21.91 3.79 -10.48
C LEU B 97 -21.67 2.32 -10.69
N VAL B 98 -22.13 1.79 -11.83
CA VAL B 98 -22.02 0.37 -12.11
C VAL B 98 -21.43 0.19 -13.48
N ILE B 99 -20.74 -0.93 -13.67
CA ILE B 99 -20.04 -1.20 -14.91
C ILE B 99 -21.03 -1.25 -16.09
N ASP B 100 -22.24 -1.71 -15.83
CA ASP B 100 -23.30 -1.77 -16.85
C ASP B 100 -23.66 -0.40 -17.41
N ALA B 101 -23.32 0.67 -16.68
CA ALA B 101 -23.69 2.03 -17.03
C ALA B 101 -22.60 2.74 -17.83
N LEU B 102 -21.56 1.99 -18.22
CA LEU B 102 -20.50 2.50 -19.08
C LEU B 102 -20.44 1.68 -20.35
N LEU B 103 -20.11 2.32 -21.48
CA LEU B 103 -19.78 1.56 -22.66
C LEU B 103 -18.56 0.71 -22.42
N PRO B 104 -18.51 -0.50 -23.00
CA PRO B 104 -17.26 -1.28 -22.95
C PRO B 104 -16.07 -0.49 -23.42
N GLY B 105 -14.93 -0.74 -22.81
CA GLY B 105 -13.72 -0.03 -23.13
C GLY B 105 -12.53 -0.82 -22.70
N LYS B 106 -11.40 -0.12 -22.58
CA LYS B 106 -10.12 -0.75 -22.28
C LYS B 106 -9.51 -0.29 -20.96
N ARG B 107 -9.74 0.96 -20.56
CA ARG B 107 -9.27 1.45 -19.27
C ARG B 107 -10.41 2.07 -18.47
N LEU B 108 -10.45 1.75 -17.19
CA LEU B 108 -11.50 2.19 -16.28
C LEU B 108 -10.89 3.02 -15.16
N TRP B 109 -11.42 4.21 -14.98
CA TRP B 109 -10.94 5.17 -14.00
C TRP B 109 -11.95 5.34 -12.88
N PHE B 110 -11.46 5.25 -11.66
CA PHE B 110 -12.24 5.54 -10.45
C PHE B 110 -11.68 6.83 -9.86
N LEU B 111 -12.53 7.83 -9.69
CA LEU B 111 -12.11 9.16 -9.27
C LEU B 111 -12.89 9.54 -8.03
N ALA B 112 -12.19 9.58 -6.90
CA ALA B 112 -12.85 9.74 -5.60
C ALA B 112 -12.14 10.67 -4.65
N THR B 113 -12.92 11.35 -3.82
CA THR B 113 -12.36 12.07 -2.68
C THR B 113 -13.12 11.66 -1.41
N GLY B 114 -12.41 11.62 -0.28
CA GLY B 114 -13.04 11.30 0.99
C GLY B 114 -13.78 9.96 0.98
N THR B 115 -14.98 9.93 1.54
CA THR B 115 -15.76 8.69 1.59
C THR B 115 -16.26 8.27 0.21
N GLY B 116 -16.02 9.10 -0.79
CA GLY B 116 -16.39 8.74 -2.17
C GLY B 116 -15.66 7.50 -2.66
N ILE B 117 -14.63 7.09 -1.94
CA ILE B 117 -13.95 5.85 -2.28
C ILE B 117 -14.86 4.64 -2.03
N ALA B 118 -15.92 4.79 -1.25
CA ALA B 118 -16.72 3.62 -0.83
C ALA B 118 -17.19 2.73 -1.99
N PRO B 119 -17.84 3.30 -3.03
CA PRO B 119 -18.28 2.41 -4.12
C PRO B 119 -17.11 1.81 -4.86
N PHE B 120 -15.95 2.41 -4.76
CA PHE B 120 -14.78 1.87 -5.44
C PHE B 120 -14.00 0.86 -4.57
N ALA B 121 -14.20 0.91 -3.26
CA ALA B 121 -13.79 -0.19 -2.39
C ALA B 121 -14.52 -1.46 -2.86
N SER B 122 -15.75 -1.29 -3.34
CA SER B 122 -16.51 -2.41 -3.88
C SER B 122 -15.96 -2.78 -5.26
N LEU B 123 -15.91 -1.80 -6.16
CA LEU B 123 -15.54 -2.05 -7.54
C LEU B 123 -14.09 -2.51 -7.73
N MET B 124 -13.16 -2.05 -6.89
CA MET B 124 -11.78 -2.54 -6.98
C MET B 124 -11.67 -4.02 -6.65
N ARG B 125 -12.68 -4.56 -5.96
CA ARG B 125 -12.71 -5.96 -5.57
C ARG B 125 -13.71 -6.77 -6.40
N GLU B 126 -14.18 -6.14 -7.47
CA GLU B 126 -15.17 -6.73 -8.38
C GLU B 126 -14.46 -7.38 -9.56
N PRO B 127 -14.56 -8.70 -9.69
CA PRO B 127 -13.85 -9.39 -10.79
C PRO B 127 -14.19 -8.82 -12.17
N GLU B 128 -15.43 -8.38 -12.36
CA GLU B 128 -15.85 -7.87 -13.66
C GLU B 128 -15.01 -6.69 -14.11
N ALA B 129 -14.50 -5.89 -13.16
CA ALA B 129 -13.69 -4.74 -13.54
C ALA B 129 -12.45 -5.18 -14.30
N TYR B 130 -11.87 -6.29 -13.87
CA TYR B 130 -10.62 -6.77 -14.46
C TYR B 130 -10.84 -7.71 -15.65
N GLU B 131 -12.00 -8.37 -15.70
CA GLU B 131 -12.41 -9.19 -16.84
C GLU B 131 -12.63 -8.33 -18.09
N LYS B 132 -13.20 -7.16 -17.87
CA LYS B 132 -13.69 -6.30 -18.92
C LYS B 132 -12.75 -5.16 -19.31
N PHE B 133 -11.77 -4.86 -18.47
CA PHE B 133 -10.81 -3.77 -18.73
C PHE B 133 -9.39 -4.24 -18.56
N ASP B 134 -8.49 -3.68 -19.37
CA ASP B 134 -7.08 -4.02 -19.30
C ASP B 134 -6.35 -3.22 -18.24
N GLU B 135 -6.90 -2.06 -17.88
CA GLU B 135 -6.32 -1.24 -16.83
C GLU B 135 -7.40 -0.59 -16.01
N VAL B 136 -7.16 -0.54 -14.71
CA VAL B 136 -8.07 0.11 -13.77
C VAL B 136 -7.26 1.09 -12.97
N ILE B 137 -7.64 2.36 -13.02
CA ILE B 137 -6.88 3.42 -12.36
C ILE B 137 -7.70 4.02 -11.23
N MET B 138 -7.21 3.88 -10.00
CA MET B 138 -7.86 4.40 -8.81
C MET B 138 -7.19 5.67 -8.32
N MET B 139 -7.84 6.82 -8.54
CA MET B 139 -7.36 8.12 -8.02
C MET B 139 -8.17 8.44 -6.78
N HIS B 140 -7.51 8.49 -5.63
CA HIS B 140 -8.13 8.84 -4.36
C HIS B 140 -7.38 9.99 -3.76
N ALA B 141 -8.03 11.14 -3.64
CA ALA B 141 -7.43 12.33 -3.04
C ALA B 141 -8.14 12.68 -1.74
N CYS B 142 -7.36 12.88 -0.68
CA CYS B 142 -7.86 13.37 0.61
C CYS B 142 -6.94 14.48 1.14
N ARG B 143 -7.36 15.17 2.18
CA ARG B 143 -6.51 16.22 2.75
C ARG B 143 -5.31 15.63 3.47
N THR B 144 -5.54 14.55 4.22
CA THR B 144 -4.51 14.02 5.12
C THR B 144 -4.18 12.57 4.85
N VAL B 145 -3.01 12.14 5.31
CA VAL B 145 -2.61 10.76 5.11
C VAL B 145 -3.58 9.80 5.82
N ALA B 146 -4.00 10.13 7.03
CA ALA B 146 -4.90 9.26 7.78
C ALA B 146 -6.21 9.02 7.07
N GLU B 147 -6.66 9.98 6.26
CA GLU B 147 -7.90 9.83 5.52
C GLU B 147 -7.77 8.82 4.38
N LEU B 148 -6.55 8.55 3.93
CA LEU B 148 -6.31 7.53 2.90
C LEU B 148 -6.25 6.11 3.44
N GLU B 149 -6.16 5.98 4.76
CA GLU B 149 -5.75 4.70 5.36
C GLU B 149 -6.65 3.51 5.03
N TYR B 150 -7.96 3.71 5.12
CA TYR B 150 -8.89 2.62 4.82
C TYR B 150 -8.64 2.07 3.41
N GLY B 151 -8.56 2.97 2.44
CA GLY B 151 -8.30 2.57 1.08
C GLY B 151 -6.92 1.99 0.88
N ARG B 152 -5.90 2.56 1.53
CA ARG B 152 -4.55 2.02 1.38
C ARG B 152 -4.44 0.57 1.89
N GLN B 153 -5.07 0.29 3.02
CA GLN B 153 -5.07 -1.06 3.57
C GLN B 153 -5.87 -2.00 2.68
N LEU B 154 -6.96 -1.50 2.12
CA LEU B 154 -7.79 -2.30 1.21
C LEU B 154 -6.95 -2.76 0.01
N VAL B 155 -6.21 -1.81 -0.60
CA VAL B 155 -5.43 -2.11 -1.79
C VAL B 155 -4.30 -3.09 -1.44
N GLU B 156 -3.64 -2.89 -0.30
CA GLU B 156 -2.61 -3.83 0.12
C GLU B 156 -3.22 -5.22 0.25
N ALA B 157 -4.41 -5.30 0.84
CA ALA B 157 -5.04 -6.58 1.14
C ALA B 157 -5.55 -7.30 -0.12
N LEU B 158 -5.64 -6.60 -1.25
CA LEU B 158 -6.01 -7.27 -2.50
C LEU B 158 -5.07 -8.41 -2.86
N GLN B 159 -3.82 -8.34 -2.39
CA GLN B 159 -2.85 -9.38 -2.71
C GLN B 159 -3.19 -10.72 -2.05
N GLU B 160 -4.02 -10.70 -1.03
CA GLU B 160 -4.43 -11.92 -0.35
C GLU B 160 -5.72 -12.49 -0.92
N ASP B 161 -6.36 -11.76 -1.83
CA ASP B 161 -7.59 -12.26 -2.42
C ASP B 161 -7.25 -13.31 -3.49
N PRO B 162 -7.80 -14.54 -3.37
CA PRO B 162 -7.32 -15.59 -4.28
C PRO B 162 -7.68 -15.30 -5.73
N LEU B 163 -8.79 -14.61 -5.92
CA LEU B 163 -9.24 -14.24 -7.26
C LEU B 163 -8.71 -12.88 -7.65
N ILE B 164 -9.05 -11.88 -6.85
CA ILE B 164 -8.77 -10.50 -7.21
C ILE B 164 -7.27 -10.26 -7.25
N GLY B 165 -6.53 -10.86 -6.32
CA GLY B 165 -5.09 -10.69 -6.31
C GLY B 165 -4.40 -11.06 -7.63
N GLU B 166 -4.88 -12.12 -8.29
CA GLU B 166 -4.38 -12.51 -9.61
C GLU B 166 -4.86 -11.56 -10.71
N LEU B 167 -6.12 -11.18 -10.62
CA LEU B 167 -6.75 -10.36 -11.66
C LEU B 167 -6.16 -8.97 -11.75
N VAL B 168 -5.71 -8.39 -10.63
CA VAL B 168 -5.24 -7.01 -10.65
C VAL B 168 -3.82 -6.91 -11.17
N GLU B 169 -3.13 -8.05 -11.28
CA GLU B 169 -1.74 -8.06 -11.73
C GLU B 169 -1.64 -7.45 -13.12
N GLY B 170 -0.86 -6.38 -13.22
CA GLY B 170 -0.67 -5.65 -14.45
C GLY B 170 -1.87 -4.83 -14.93
N LYS B 171 -2.89 -4.70 -14.09
CA LYS B 171 -4.10 -3.97 -14.43
C LYS B 171 -4.43 -2.83 -13.47
N LEU B 172 -4.45 -3.07 -12.15
CA LEU B 172 -4.75 -1.99 -11.19
C LEU B 172 -3.56 -1.08 -10.97
N LYS B 173 -3.80 0.21 -11.14
CA LYS B 173 -2.86 1.25 -10.82
C LYS B 173 -3.51 2.12 -9.75
N TYR B 174 -2.87 2.18 -8.59
CA TYR B 174 -3.42 2.88 -7.43
C TYR B 174 -2.64 4.18 -7.24
N TYR B 175 -3.38 5.29 -7.26
CA TYR B 175 -2.82 6.64 -7.26
C TYR B 175 -3.43 7.47 -6.13
N PRO B 176 -3.05 7.17 -4.89
CA PRO B 176 -3.48 7.96 -3.74
C PRO B 176 -2.73 9.28 -3.67
N THR B 177 -3.42 10.36 -3.32
CA THR B 177 -2.74 11.62 -3.07
C THR B 177 -3.28 12.30 -1.85
N THR B 178 -2.46 13.15 -1.23
CA THR B 178 -2.93 14.11 -0.25
C THR B 178 -2.87 15.52 -0.79
N THR B 179 -3.69 16.40 -0.25
CA THR B 179 -3.69 17.79 -0.67
C THR B 179 -3.19 18.75 0.41
N ARG B 180 -3.13 18.32 1.68
CA ARG B 180 -2.73 19.18 2.80
C ARG B 180 -1.62 18.64 3.71
N GLU B 181 -1.15 17.43 3.42
CA GLU B 181 -0.04 16.83 4.17
C GLU B 181 0.96 16.29 3.15
N GLU B 182 2.21 16.19 3.55
CA GLU B 182 3.23 15.63 2.67
C GLU B 182 2.96 14.15 2.53
N PHE B 183 3.17 13.67 1.30
CA PHE B 183 2.93 12.27 0.93
C PHE B 183 3.69 12.04 -0.36
N HIS B 184 3.87 10.78 -0.76
CA HIS B 184 4.74 10.52 -1.91
C HIS B 184 4.19 11.10 -3.21
N HIS B 185 2.87 11.19 -3.31
CA HIS B 185 2.20 11.90 -4.41
C HIS B 185 1.13 12.80 -3.83
N MET B 186 1.03 14.02 -4.38
CA MET B 186 0.12 15.02 -3.86
C MET B 186 -0.72 15.65 -4.96
N GLY B 187 -1.76 16.36 -4.56
CA GLY B 187 -2.58 17.14 -5.47
C GLY B 187 -3.98 16.65 -5.68
N ARG B 188 -4.84 17.59 -6.05
CA ARG B 188 -6.22 17.30 -6.38
C ARG B 188 -6.32 16.47 -7.63
N ILE B 189 -7.35 15.64 -7.69
CA ILE B 189 -7.65 14.89 -8.89
C ILE B 189 -7.92 15.84 -10.06
N THR B 190 -8.75 16.86 -9.87
CA THR B 190 -9.05 17.77 -10.95
C THR B 190 -7.73 18.34 -11.52
N ASP B 191 -6.84 18.79 -10.64
CA ASP B 191 -5.58 19.37 -11.09
C ASP B 191 -4.65 18.35 -11.77
N ASN B 192 -4.51 17.17 -11.17
CA ASN B 192 -3.58 16.19 -11.70
C ASN B 192 -4.08 15.52 -12.98
N LEU B 193 -5.40 15.45 -13.16
CA LEU B 193 -5.95 14.95 -14.43
C LEU B 193 -5.88 16.03 -15.51
N ALA B 194 -6.22 17.26 -15.15
CA ALA B 194 -6.22 18.33 -16.16
C ALA B 194 -4.80 18.64 -16.64
N SER B 195 -3.82 18.63 -15.75
CA SER B 195 -2.44 18.91 -16.15
C SER B 195 -1.81 17.72 -16.86
N GLY B 196 -2.38 16.55 -16.61
CA GLY B 196 -1.85 15.30 -17.12
C GLY B 196 -0.73 14.70 -16.26
N LYS B 197 -0.50 15.28 -15.09
CA LYS B 197 0.52 14.75 -14.19
C LYS B 197 0.33 13.26 -13.96
N VAL B 198 -0.94 12.83 -13.79
CA VAL B 198 -1.21 11.42 -13.49
C VAL B 198 -0.79 10.52 -14.66
N PHE B 199 -0.90 10.99 -15.90
CA PHE B 199 -0.47 10.20 -17.04
C PHE B 199 1.03 10.01 -17.03
N GLU B 200 1.74 11.11 -16.77
CA GLU B 200 3.19 11.06 -16.72
C GLU B 200 3.66 10.20 -15.55
N ASP B 201 3.03 10.36 -14.38
CA ASP B 201 3.45 9.64 -13.18
C ASP B 201 3.29 8.13 -13.37
N LEU B 202 2.17 7.72 -13.96
CA LEU B 202 1.85 6.30 -14.17
C LEU B 202 2.43 5.74 -15.47
N GLY B 203 2.89 6.64 -16.34
CA GLY B 203 3.47 6.22 -17.61
C GLY B 203 2.45 5.58 -18.53
N ILE B 204 1.28 6.20 -18.59
CA ILE B 204 0.17 5.70 -19.39
C ILE B 204 -0.24 6.75 -20.39
N ALA B 205 -0.93 6.31 -21.45
CA ALA B 205 -1.39 7.23 -22.47
C ALA B 205 -2.37 8.21 -21.87
N PRO B 206 -2.40 9.45 -22.39
CA PRO B 206 -3.39 10.40 -21.91
C PRO B 206 -4.85 9.94 -22.11
N MET B 207 -5.74 10.51 -21.29
CA MET B 207 -7.16 10.19 -21.32
C MET B 207 -7.75 10.47 -22.70
N ASN B 208 -8.56 9.52 -23.18
CA ASN B 208 -9.22 9.65 -24.48
C ASN B 208 -10.48 8.80 -24.53
N PRO B 209 -11.51 9.23 -25.28
CA PRO B 209 -12.77 8.50 -25.34
C PRO B 209 -12.71 7.19 -26.12
N GLU B 210 -11.67 6.90 -26.91
CA GLU B 210 -11.68 5.59 -27.56
C GLU B 210 -11.57 4.50 -26.51
N THR B 211 -10.66 4.67 -25.55
CA THR B 211 -10.38 3.59 -24.61
C THR B 211 -10.93 3.79 -23.22
N ASP B 212 -11.12 5.03 -22.80
CA ASP B 212 -11.36 5.27 -21.37
C ASP B 212 -12.80 5.45 -20.95
N ARG B 213 -13.08 4.88 -19.79
CA ARG B 213 -14.36 4.99 -19.11
C ARG B 213 -14.07 5.42 -17.67
N ALA B 214 -14.95 6.22 -17.06
CA ALA B 214 -14.65 6.77 -15.75
C ALA B 214 -15.86 6.82 -14.84
N MET B 215 -15.61 6.69 -13.53
CA MET B 215 -16.64 6.84 -12.51
C MET B 215 -16.20 7.88 -11.49
N VAL B 216 -17.12 8.75 -11.09
CA VAL B 216 -16.80 9.88 -10.23
C VAL B 216 -17.68 9.86 -8.99
N CYS B 217 -17.05 9.94 -7.81
CA CYS B 217 -17.82 10.01 -6.58
C CYS B 217 -17.16 10.94 -5.57
N GLY B 218 -17.90 11.96 -5.19
CA GLY B 218 -17.48 12.91 -4.18
C GLY B 218 -18.56 13.94 -3.97
N SER B 219 -18.20 15.09 -3.42
CA SER B 219 -19.17 16.17 -3.24
C SER B 219 -19.68 16.67 -4.59
N LEU B 220 -20.76 17.44 -4.56
CA LEU B 220 -21.27 18.01 -5.80
C LEU B 220 -20.19 18.84 -6.48
N ALA B 221 -19.49 19.65 -5.68
CA ALA B 221 -18.45 20.54 -6.21
C ALA B 221 -17.34 19.74 -6.88
N PHE B 222 -16.90 18.68 -6.21
CA PHE B 222 -15.90 17.75 -6.76
C PHE B 222 -16.38 17.16 -8.08
N ASN B 223 -17.61 16.66 -8.09
CA ASN B 223 -18.18 16.04 -9.27
C ASN B 223 -18.21 17.03 -10.44
N VAL B 224 -18.68 18.24 -10.18
CA VAL B 224 -18.75 19.26 -11.23
C VAL B 224 -17.36 19.56 -11.81
N ASP B 225 -16.39 19.75 -10.92
CA ASP B 225 -15.02 20.06 -11.33
C ASP B 225 -14.44 18.93 -12.17
N VAL B 226 -14.63 17.69 -11.73
CA VAL B 226 -14.04 16.53 -12.40
C VAL B 226 -14.74 16.30 -13.75
N MET B 227 -16.06 16.45 -13.77
CA MET B 227 -16.83 16.30 -15.00
C MET B 227 -16.31 17.21 -16.11
N LYS B 228 -15.97 18.45 -15.77
CA LYS B 228 -15.48 19.40 -16.77
C LYS B 228 -14.15 18.92 -17.35
N VAL B 229 -13.31 18.35 -16.51
CA VAL B 229 -12.04 17.81 -16.97
C VAL B 229 -12.28 16.60 -17.85
N LEU B 230 -13.16 15.68 -17.46
CA LEU B 230 -13.44 14.51 -18.29
C LEU B 230 -13.95 14.94 -19.67
N GLU B 231 -14.84 15.93 -19.69
CA GLU B 231 -15.43 16.41 -20.93
C GLU B 231 -14.35 17.07 -21.79
N SER B 232 -13.34 17.66 -21.16
CA SER B 232 -12.26 18.32 -21.89
C SER B 232 -11.43 17.31 -22.69
N TYR B 233 -11.44 16.06 -22.24
CA TYR B 233 -10.70 14.99 -22.91
C TYR B 233 -11.60 14.24 -23.91
N GLY B 234 -12.86 14.65 -23.99
CA GLY B 234 -13.78 14.12 -25.00
C GLY B 234 -14.72 13.04 -24.50
N LEU B 235 -14.66 12.73 -23.22
CA LEU B 235 -15.58 11.74 -22.63
C LEU B 235 -16.96 12.33 -22.41
N ARG B 236 -17.99 11.52 -22.62
CA ARG B 236 -19.39 11.93 -22.46
C ARG B 236 -20.06 11.27 -21.26
N GLU B 237 -20.90 12.05 -20.58
CA GLU B 237 -21.68 11.55 -19.47
C GLU B 237 -22.82 10.68 -19.96
N GLY B 238 -22.98 9.55 -19.31
CA GLY B 238 -24.13 8.71 -19.56
C GLY B 238 -24.57 8.25 -18.21
N ALA B 239 -25.50 7.31 -18.19
CA ALA B 239 -26.10 6.84 -16.98
C ALA B 239 -27.12 5.78 -17.32
N ASN B 240 -27.21 4.82 -16.41
CA ASN B 240 -28.22 3.79 -16.42
C ASN B 240 -28.32 3.11 -17.78
N SER B 241 -29.46 3.24 -18.46
CA SER B 241 -29.71 2.52 -19.72
C SER B 241 -29.14 3.20 -20.96
N GLU B 242 -28.52 4.38 -20.78
CA GLU B 242 -27.85 5.06 -21.88
C GLU B 242 -26.39 5.35 -21.49
N PRO B 243 -25.58 4.29 -21.51
CA PRO B 243 -24.18 4.37 -21.10
C PRO B 243 -23.35 5.13 -22.12
N ARG B 244 -22.37 5.88 -21.63
CA ARG B 244 -21.41 6.57 -22.48
C ARG B 244 -20.05 6.33 -21.82
N GLU B 245 -19.24 7.37 -21.66
CA GLU B 245 -17.88 7.15 -21.18
C GLU B 245 -17.69 7.44 -19.69
N PHE B 246 -18.59 8.20 -19.06
CA PHE B 246 -18.48 8.32 -17.61
C PHE B 246 -19.83 8.45 -16.90
N VAL B 247 -19.78 8.18 -15.60
CA VAL B 247 -20.92 8.27 -14.71
C VAL B 247 -20.50 8.93 -13.42
N VAL B 248 -21.44 9.61 -12.78
CA VAL B 248 -21.16 10.34 -11.56
C VAL B 248 -22.24 10.10 -10.51
N GLU B 249 -21.84 10.20 -9.26
CA GLU B 249 -22.73 10.05 -8.10
C GLU B 249 -22.28 10.90 -6.92
N LYS B 250 -23.17 11.65 -6.27
CA LYS B 250 -22.81 12.38 -5.04
C LYS B 250 -22.29 11.42 -3.94
N TYR B 251 -21.35 11.88 -3.10
CA TYR B 251 -20.89 11.03 -1.98
C TYR B 251 -21.63 11.29 -0.69
#